data_6BYB
#
_entry.id   6BYB
#
_cell.length_a   85.880
_cell.length_b   93.166
_cell.length_c   58.444
_cell.angle_alpha   90.000
_cell.angle_beta   90.000
_cell.angle_gamma   90.000
#
_symmetry.space_group_name_H-M   'P 21 21 2'
#
loop_
_entity.id
_entity.type
_entity.pdbx_description
1 polymer 'Lethal(3)malignant brain tumor-like protein 1'
2 non-polymer (S)-N-(cyclopropylmethyl)-N~2~-methyl-N-[2-methyl-2-(1-methylpiperidin-4-yl)propyl]alaninamide
3 non-polymer 1,2-ETHANEDIOL
4 non-polymer 'UNKNOWN ATOM OR ION'
5 water water
#
_entity_poly.entity_id   1
_entity_poly.type   'polypeptide(L)'
_entity_poly.pdbx_seq_one_letter_code
;GEKKECWSWESYLEEQKAITAPVSLFQDSQAVTHNKNGFKLGMKLEGIDPQHPSMYFILTVAEVCGYRLRLHFDGYSECH
DFWVNANSPDIHPAGWFEKTGHKLQPPKGYKEEEFSWSQYLRSTRAQAAPKHLFVSQSHSPPPLGFQVGMKLEAVDRMNP
SLVCVASVTDVVDSRFLVHFDNWDDTYDYWCDPSSPYIHPVGWCQKQGKPLTPPQDYPDPDNFCWEKYLEETGASAVPTW
AFKVRPPHSFLVNMKLEAVDRRNPALIRVASVEDVEDHRIKIHFDGWSHGYDFWIDADHPDIHPAGWCSKTGHPLQPPLG
PRE
;
_entity_poly.pdbx_strand_id   A
#
# COMPACT_ATOMS: atom_id res chain seq x y z
N GLU A 5 -32.72 -11.62 13.54
CA GLU A 5 -32.23 -11.97 12.17
C GLU A 5 -30.86 -11.34 11.87
N CYS A 6 -30.04 -12.04 11.08
CA CYS A 6 -28.73 -11.56 10.63
C CYS A 6 -28.86 -10.22 9.88
N TRP A 7 -27.87 -9.35 10.06
CA TRP A 7 -27.76 -8.14 9.24
C TRP A 7 -27.46 -8.59 7.83
N SER A 8 -28.00 -7.89 6.84
CA SER A 8 -27.65 -8.17 5.45
C SER A 8 -27.63 -6.90 4.62
N TRP A 9 -26.74 -6.89 3.63
CA TRP A 9 -26.65 -5.78 2.70
C TRP A 9 -27.99 -5.52 2.01
N GLU A 10 -28.64 -6.59 1.56
CA GLU A 10 -29.92 -6.46 0.85
C GLU A 10 -30.98 -5.74 1.70
N SER A 11 -31.19 -6.15 2.94
CA SER A 11 -32.15 -5.45 3.80
C SER A 11 -31.73 -4.00 4.09
N TYR A 12 -30.43 -3.77 4.26
CA TYR A 12 -29.97 -2.42 4.56
C TYR A 12 -30.20 -1.47 3.37
N LEU A 13 -29.87 -1.95 2.18
CA LEU A 13 -30.08 -1.14 0.96
C LEU A 13 -31.55 -0.77 0.79
N GLU A 14 -32.43 -1.72 1.13
CA GLU A 14 -33.89 -1.50 1.10
C GLU A 14 -34.29 -0.42 2.11
N GLU A 15 -33.84 -0.56 3.34
N GLU A 15 -33.85 -0.56 3.36
CA GLU A 15 -34.16 0.41 4.40
CA GLU A 15 -34.15 0.42 4.41
C GLU A 15 -33.66 1.82 4.09
C GLU A 15 -33.66 1.82 4.08
N GLN A 16 -32.44 1.91 3.54
CA GLN A 16 -31.81 3.17 3.25
C GLN A 16 -32.12 3.74 1.88
N LYS A 17 -32.74 2.96 1.00
CA LYS A 17 -32.93 3.33 -0.41
CA LYS A 17 -32.94 3.38 -0.40
C LYS A 17 -31.57 3.77 -0.96
N ALA A 18 -30.62 2.86 -0.84
CA ALA A 18 -29.25 3.09 -1.22
C ALA A 18 -28.81 2.10 -2.27
N ILE A 19 -27.63 2.37 -2.84
CA ILE A 19 -27.01 1.46 -3.80
C ILE A 19 -25.57 1.16 -3.37
N THR A 20 -25.05 0.05 -3.86
CA THR A 20 -23.62 -0.31 -3.64
C THR A 20 -22.79 0.21 -4.79
N ALA A 21 -21.51 0.45 -4.51
CA ALA A 21 -20.53 0.70 -5.56
C ALA A 21 -20.37 -0.60 -6.33
N PRO A 22 -20.61 -0.57 -7.65
CA PRO A 22 -20.44 -1.82 -8.41
C PRO A 22 -19.02 -2.40 -8.33
N VAL A 23 -18.94 -3.71 -8.36
CA VAL A 23 -17.65 -4.45 -8.39
C VAL A 23 -16.73 -3.94 -9.49
N SER A 24 -17.30 -3.55 -10.64
CA SER A 24 -16.50 -3.01 -11.76
C SER A 24 -15.66 -1.76 -11.42
N LEU A 25 -16.05 -0.99 -10.41
CA LEU A 25 -15.30 0.19 -10.01
C LEU A 25 -13.99 -0.12 -9.27
N PHE A 26 -13.85 -1.35 -8.81
CA PHE A 26 -12.72 -1.77 -8.00
C PHE A 26 -11.68 -2.47 -8.87
N GLN A 27 -10.44 -2.46 -8.39
CA GLN A 27 -9.38 -3.30 -8.98
C GLN A 27 -9.68 -4.75 -8.67
N ASP A 28 -9.29 -5.65 -9.56
N ASP A 28 -9.29 -5.66 -9.55
CA ASP A 28 -9.50 -7.09 -9.34
CA ASP A 28 -9.54 -7.09 -9.31
C ASP A 28 -9.01 -7.54 -7.95
C ASP A 28 -9.02 -7.54 -7.94
N SER A 29 -7.87 -7.02 -7.52
CA SER A 29 -7.27 -7.41 -6.24
C SER A 29 -8.11 -6.97 -5.03
N GLN A 30 -8.84 -5.87 -5.17
CA GLN A 30 -9.74 -5.41 -4.11
C GLN A 30 -11.01 -6.24 -4.02
N ALA A 31 -11.42 -6.81 -5.16
CA ALA A 31 -12.72 -7.49 -5.27
C ALA A 31 -12.65 -9.00 -5.10
N VAL A 32 -11.48 -9.61 -5.35
CA VAL A 32 -11.43 -11.09 -5.42
C VAL A 32 -11.75 -11.74 -4.07
N THR A 33 -12.75 -12.62 -4.09
CA THR A 33 -13.21 -13.30 -2.89
C THR A 33 -13.02 -14.82 -2.89
N HIS A 34 -12.73 -15.40 -4.06
CA HIS A 34 -12.63 -16.87 -4.19
C HIS A 34 -11.25 -17.48 -3.94
N ASN A 35 -10.24 -16.69 -3.62
CA ASN A 35 -8.92 -17.25 -3.28
C ASN A 35 -8.96 -17.78 -1.85
N LYS A 36 -8.39 -18.96 -1.61
CA LYS A 36 -8.25 -19.44 -0.23
C LYS A 36 -7.10 -18.69 0.46
N ASN A 37 -7.29 -18.42 1.74
CA ASN A 37 -6.22 -17.90 2.58
C ASN A 37 -5.68 -19.12 3.31
N GLY A 38 -4.55 -19.64 2.86
CA GLY A 38 -3.93 -20.81 3.50
C GLY A 38 -2.92 -20.50 4.59
N PHE A 39 -2.70 -19.22 4.89
CA PHE A 39 -1.75 -18.87 5.96
C PHE A 39 -2.29 -19.32 7.31
N LYS A 40 -1.38 -19.72 8.20
CA LYS A 40 -1.73 -20.22 9.53
C LYS A 40 -0.91 -19.53 10.59
N LEU A 41 -1.49 -19.44 11.77
CA LEU A 41 -0.82 -18.90 12.94
C LEU A 41 0.56 -19.49 13.09
N GLY A 42 1.55 -18.62 13.29
CA GLY A 42 2.94 -19.03 13.51
C GLY A 42 3.81 -19.19 12.28
N MET A 43 3.20 -19.25 11.10
CA MET A 43 3.98 -19.35 9.85
C MET A 43 4.84 -18.11 9.68
N LYS A 44 6.05 -18.29 9.15
CA LYS A 44 7.03 -17.21 9.00
C LYS A 44 7.22 -16.84 7.54
N LEU A 45 7.54 -15.57 7.28
N LEU A 45 7.58 -15.59 7.29
CA LEU A 45 7.67 -15.06 5.92
CA LEU A 45 7.69 -15.06 5.93
C LEU A 45 8.49 -13.77 5.92
C LEU A 45 8.53 -13.78 5.92
N GLU A 46 8.70 -13.19 4.74
CA GLU A 46 9.39 -11.91 4.59
C GLU A 46 8.40 -10.85 4.15
N GLY A 47 8.68 -9.62 4.52
CA GLY A 47 7.80 -8.49 4.15
C GLY A 47 8.39 -7.15 4.41
N ILE A 48 7.84 -6.13 3.74
CA ILE A 48 8.29 -4.79 3.99
C ILE A 48 7.76 -4.26 5.30
N ASP A 49 8.53 -3.35 5.88
CA ASP A 49 8.10 -2.55 6.99
C ASP A 49 7.24 -1.42 6.45
N PRO A 50 5.95 -1.39 6.79
CA PRO A 50 5.10 -0.26 6.38
C PRO A 50 5.62 1.16 6.73
N GLN A 51 6.34 1.27 7.85
CA GLN A 51 6.94 2.52 8.30
C GLN A 51 8.25 2.84 7.58
N HIS A 52 8.92 1.81 7.05
CA HIS A 52 10.16 1.95 6.32
C HIS A 52 10.08 1.06 5.09
N PRO A 53 9.31 1.47 4.04
CA PRO A 53 8.99 0.54 2.96
C PRO A 53 10.13 0.01 2.10
N SER A 54 11.33 0.53 2.29
CA SER A 54 12.54 0.03 1.63
C SER A 54 13.18 -1.18 2.32
N MET A 55 12.71 -1.49 3.52
N MET A 55 12.72 -1.48 3.53
CA MET A 55 13.34 -2.49 4.38
CA MET A 55 13.33 -2.47 4.42
C MET A 55 12.47 -3.73 4.51
C MET A 55 12.47 -3.72 4.51
N TYR A 56 13.13 -4.87 4.53
CA TYR A 56 12.49 -6.17 4.57
C TYR A 56 12.83 -6.86 5.90
N PHE A 57 11.82 -7.42 6.53
CA PHE A 57 11.93 -8.08 7.82
C PHE A 57 11.35 -9.46 7.80
N ILE A 58 11.72 -10.25 8.80
CA ILE A 58 11.09 -11.51 9.06
C ILE A 58 9.83 -11.27 9.86
N LEU A 59 8.71 -11.81 9.37
CA LEU A 59 7.42 -11.61 9.97
C LEU A 59 6.75 -12.96 10.29
N THR A 60 5.95 -12.97 11.37
CA THR A 60 5.19 -14.14 11.76
C THR A 60 3.70 -13.84 11.67
N VAL A 61 2.93 -14.82 11.21
CA VAL A 61 1.47 -14.73 11.21
C VAL A 61 0.94 -14.81 12.65
N ALA A 62 0.40 -13.70 13.13
CA ALA A 62 -0.08 -13.63 14.53
C ALA A 62 -1.58 -13.82 14.65
N GLU A 63 -2.30 -13.69 13.54
CA GLU A 63 -3.73 -13.84 13.50
C GLU A 63 -4.15 -14.00 12.06
N VAL A 64 -5.16 -14.84 11.84
CA VAL A 64 -5.80 -15.01 10.55
C VAL A 64 -7.28 -14.67 10.69
N CYS A 65 -7.80 -13.86 9.77
CA CYS A 65 -9.23 -13.51 9.80
C CYS A 65 -9.72 -13.30 8.39
N GLY A 66 -10.54 -14.23 7.90
CA GLY A 66 -11.03 -14.15 6.53
C GLY A 66 -9.85 -14.24 5.57
N TYR A 67 -9.77 -13.27 4.65
CA TYR A 67 -8.69 -13.19 3.68
C TYR A 67 -7.57 -12.26 4.17
N ARG A 68 -7.53 -11.95 5.46
CA ARG A 68 -6.51 -11.06 6.05
C ARG A 68 -5.64 -11.78 7.07
N LEU A 69 -4.48 -11.18 7.33
CA LEU A 69 -3.46 -11.69 8.23
C LEU A 69 -2.96 -10.53 9.08
N ARG A 70 -2.75 -10.75 10.38
CA ARG A 70 -2.00 -9.81 11.20
C ARG A 70 -0.58 -10.35 11.28
N LEU A 71 0.37 -9.47 11.00
CA LEU A 71 1.78 -9.83 10.97
C LEU A 71 2.51 -9.20 12.12
N HIS A 72 3.47 -9.94 12.66
CA HIS A 72 4.27 -9.51 13.80
C HIS A 72 5.75 -9.53 13.36
N PHE A 73 6.48 -8.45 13.68
CA PHE A 73 7.92 -8.37 13.42
C PHE A 73 8.65 -9.19 14.47
N ASP A 74 9.28 -10.28 14.04
CA ASP A 74 9.97 -11.19 14.98
C ASP A 74 10.95 -10.41 15.85
N GLY A 75 10.82 -10.57 17.18
CA GLY A 75 11.70 -9.91 18.15
C GLY A 75 11.27 -8.54 18.63
N TYR A 76 10.39 -7.86 17.86
CA TYR A 76 9.98 -6.50 18.19
C TYR A 76 8.68 -6.48 18.96
N SER A 77 8.32 -5.28 19.39
CA SER A 77 7.11 -5.06 20.13
C SER A 77 5.87 -5.39 19.29
N GLU A 78 4.84 -5.91 19.96
CA GLU A 78 3.47 -6.00 19.40
C GLU A 78 2.87 -4.66 18.88
N CYS A 79 3.37 -3.53 19.37
N CYS A 79 3.34 -3.52 19.34
CA CYS A 79 3.00 -2.20 18.84
CA CYS A 79 2.82 -2.24 18.81
C CYS A 79 3.11 -2.11 17.33
C CYS A 79 3.19 -2.00 17.34
N HIS A 80 4.09 -2.81 16.75
CA HIS A 80 4.38 -2.73 15.32
C HIS A 80 3.53 -3.66 14.46
N ASP A 81 2.74 -4.54 15.07
CA ASP A 81 1.91 -5.46 14.29
C ASP A 81 1.02 -4.69 13.30
N PHE A 82 0.74 -5.33 12.16
CA PHE A 82 -0.08 -4.69 11.13
C PHE A 82 -0.85 -5.74 10.35
N TRP A 83 -1.96 -5.33 9.72
CA TRP A 83 -2.81 -6.22 8.93
C TRP A 83 -2.61 -6.07 7.43
N VAL A 84 -2.55 -7.21 6.73
CA VAL A 84 -2.53 -7.23 5.27
C VAL A 84 -3.58 -8.18 4.77
N ASN A 85 -3.91 -8.06 3.50
CA ASN A 85 -4.68 -9.07 2.82
C ASN A 85 -3.71 -10.18 2.34
N ALA A 86 -4.24 -11.39 2.22
CA ALA A 86 -3.43 -12.54 1.79
C ALA A 86 -2.84 -12.41 0.38
N ASN A 87 -3.42 -11.54 -0.46
CA ASN A 87 -2.87 -11.21 -1.78
C ASN A 87 -1.98 -9.96 -1.81
N SER A 88 -1.48 -9.55 -0.66
CA SER A 88 -0.60 -8.39 -0.57
C SER A 88 0.63 -8.65 -1.42
N PRO A 89 1.05 -7.66 -2.22
CA PRO A 89 2.35 -7.78 -2.89
C PRO A 89 3.53 -7.42 -1.97
N ASP A 90 3.27 -7.08 -0.71
CA ASP A 90 4.26 -6.61 0.24
C ASP A 90 4.84 -7.74 1.10
N ILE A 91 4.40 -8.98 0.83
CA ILE A 91 4.86 -10.14 1.56
C ILE A 91 5.42 -11.15 0.57
N HIS A 92 6.39 -11.92 1.03
CA HIS A 92 7.08 -12.86 0.17
C HIS A 92 7.53 -14.08 0.98
N PRO A 93 7.77 -15.21 0.30
CA PRO A 93 8.21 -16.40 1.03
C PRO A 93 9.65 -16.33 1.51
N ALA A 94 9.94 -17.12 2.54
CA ALA A 94 11.29 -17.26 3.07
C ALA A 94 12.27 -17.55 1.94
N GLY A 95 13.36 -16.80 1.89
CA GLY A 95 14.37 -16.95 0.83
C GLY A 95 14.27 -15.95 -0.32
N TRP A 96 13.13 -15.28 -0.45
CA TRP A 96 12.91 -14.31 -1.51
C TRP A 96 14.03 -13.26 -1.60
N PHE A 97 14.42 -12.72 -0.44
CA PHE A 97 15.47 -11.68 -0.39
C PHE A 97 16.78 -12.13 -1.05
N GLU A 98 17.18 -13.37 -0.75
CA GLU A 98 18.42 -13.92 -1.29
C GLU A 98 18.28 -14.11 -2.79
N LYS A 99 17.10 -14.57 -3.24
CA LYS A 99 16.84 -14.78 -4.66
C LYS A 99 16.79 -13.48 -5.49
N THR A 100 16.46 -12.34 -4.88
CA THR A 100 16.17 -11.11 -5.63
C THR A 100 17.15 -9.98 -5.37
N GLY A 101 18.23 -10.25 -4.64
CA GLY A 101 19.25 -9.27 -4.38
C GLY A 101 18.84 -8.19 -3.39
N HIS A 102 17.94 -8.54 -2.47
CA HIS A 102 17.57 -7.65 -1.38
C HIS A 102 18.23 -8.02 -0.07
N LYS A 103 18.25 -7.06 0.86
N LYS A 103 18.28 -7.06 0.86
CA LYS A 103 18.80 -7.23 2.21
CA LYS A 103 18.80 -7.25 2.20
C LYS A 103 17.67 -7.56 3.19
C LYS A 103 17.65 -7.62 3.14
N LEU A 104 17.92 -8.52 4.08
CA LEU A 104 16.92 -8.91 5.10
C LEU A 104 17.37 -8.40 6.46
N GLN A 105 16.54 -7.59 7.13
CA GLN A 105 16.88 -7.10 8.45
C GLN A 105 16.68 -8.30 9.38
N PRO A 106 17.61 -8.55 10.30
CA PRO A 106 17.45 -9.74 11.15
C PRO A 106 16.42 -9.52 12.26
N PRO A 107 15.88 -10.59 12.84
CA PRO A 107 15.02 -10.42 14.03
C PRO A 107 15.78 -9.74 15.16
N LYS A 108 15.08 -9.00 16.01
CA LYS A 108 15.76 -8.30 17.10
C LYS A 108 16.52 -9.30 17.96
N GLY A 109 17.76 -8.96 18.31
CA GLY A 109 18.70 -9.88 18.99
C GLY A 109 19.80 -10.42 18.08
N TYR A 110 19.44 -10.80 16.86
CA TYR A 110 20.38 -11.45 15.93
C TYR A 110 21.42 -10.47 15.36
N GLU A 114 25.22 -13.15 10.31
CA GLU A 114 25.12 -14.50 10.84
C GLU A 114 23.83 -15.26 10.45
N PHE A 115 22.88 -14.64 9.72
CA PHE A 115 21.50 -15.19 9.60
C PHE A 115 21.34 -16.36 8.61
N SER A 116 20.48 -17.31 9.00
CA SER A 116 20.18 -18.50 8.20
C SER A 116 18.71 -18.93 8.42
N TRP A 117 17.93 -19.06 7.36
CA TRP A 117 16.51 -19.49 7.51
C TRP A 117 16.38 -20.89 8.13
N SER A 118 17.23 -21.83 7.70
CA SER A 118 17.17 -23.19 8.21
C SER A 118 17.41 -23.22 9.73
N GLN A 119 18.40 -22.46 10.24
CA GLN A 119 18.69 -22.46 11.67
C GLN A 119 17.62 -21.69 12.46
N TYR A 120 17.16 -20.58 11.90
CA TYR A 120 16.08 -19.82 12.54
C TYR A 120 14.81 -20.65 12.73
N LEU A 121 14.42 -21.41 11.72
CA LEU A 121 13.24 -22.26 11.80
C LEU A 121 13.42 -23.34 12.86
N ARG A 122 14.62 -23.92 12.91
CA ARG A 122 14.93 -24.93 13.95
C ARG A 122 14.85 -24.34 15.35
N SER A 123 15.51 -23.19 15.53
CA SER A 123 15.52 -22.47 16.80
C SER A 123 14.13 -22.09 17.30
N THR A 124 13.25 -21.68 16.38
CA THR A 124 11.90 -21.27 16.73
C THR A 124 10.88 -22.37 16.57
N ARG A 125 11.29 -23.56 16.11
CA ARG A 125 10.39 -24.70 15.93
C ARG A 125 9.19 -24.33 15.07
N ALA A 126 9.49 -23.62 13.99
CA ALA A 126 8.47 -22.99 13.18
C ALA A 126 8.57 -23.50 11.75
N GLN A 127 7.56 -23.17 10.96
CA GLN A 127 7.53 -23.48 9.56
C GLN A 127 7.41 -22.18 8.80
N ALA A 128 8.14 -22.08 7.71
CA ALA A 128 7.93 -21.00 6.73
C ALA A 128 6.64 -21.19 5.97
N ALA A 129 5.91 -20.09 5.75
CA ALA A 129 4.73 -20.13 4.94
C ALA A 129 5.14 -20.71 3.57
N PRO A 130 4.46 -21.75 3.10
CA PRO A 130 4.83 -22.30 1.79
C PRO A 130 4.71 -21.31 0.63
N LYS A 131 5.55 -21.52 -0.38
CA LYS A 131 5.53 -20.69 -1.58
C LYS A 131 4.16 -20.67 -2.28
N HIS A 132 3.43 -21.79 -2.25
CA HIS A 132 2.13 -21.88 -2.95
C HIS A 132 1.01 -21.05 -2.29
N LEU A 133 1.22 -20.61 -1.04
CA LEU A 133 0.22 -19.79 -0.33
C LEU A 133 0.20 -18.34 -0.84
N PHE A 134 1.24 -17.93 -1.57
CA PHE A 134 1.35 -16.57 -2.07
C PHE A 134 0.78 -16.52 -3.50
N VAL A 135 0.10 -15.42 -3.84
CA VAL A 135 -0.28 -15.12 -5.23
C VAL A 135 0.98 -14.90 -6.10
N SER A 136 1.01 -15.51 -7.28
CA SER A 136 2.26 -15.72 -8.04
C SER A 136 2.81 -14.45 -8.68
N PRO A 141 5.69 -9.19 -14.19
CA PRO A 141 6.34 -8.43 -15.27
C PRO A 141 6.91 -7.06 -14.79
N PRO A 142 8.25 -6.85 -14.86
CA PRO A 142 8.88 -5.57 -14.40
C PRO A 142 8.17 -4.31 -14.92
N PRO A 143 8.16 -3.21 -14.12
CA PRO A 143 7.50 -2.00 -14.60
C PRO A 143 8.32 -1.40 -15.75
N LEU A 144 7.73 -1.35 -16.93
CA LEU A 144 8.45 -0.92 -18.11
C LEU A 144 8.99 0.49 -17.96
N GLY A 145 10.30 0.64 -18.09
CA GLY A 145 10.92 1.93 -18.14
C GLY A 145 11.35 2.53 -16.81
N PHE A 146 11.09 1.84 -15.70
CA PHE A 146 11.51 2.30 -14.35
C PHE A 146 12.57 1.35 -13.81
N GLN A 147 13.76 1.88 -13.60
CA GLN A 147 14.89 1.11 -13.10
C GLN A 147 15.46 1.83 -11.93
N VAL A 148 16.05 1.05 -11.02
CA VAL A 148 16.74 1.58 -9.88
C VAL A 148 17.78 2.61 -10.32
N GLY A 149 17.77 3.76 -9.66
CA GLY A 149 18.73 4.84 -9.93
C GLY A 149 18.19 5.94 -10.81
N MET A 150 17.08 5.72 -11.50
CA MET A 150 16.49 6.75 -12.33
C MET A 150 15.82 7.81 -11.45
N LYS A 151 15.70 9.00 -12.00
CA LYS A 151 15.11 10.14 -11.29
C LYS A 151 13.78 10.59 -11.87
N LEU A 152 12.96 11.18 -11.00
CA LEU A 152 11.64 11.64 -11.36
C LEU A 152 11.20 12.71 -10.34
N GLU A 153 10.01 13.25 -10.58
CA GLU A 153 9.33 14.15 -9.66
C GLU A 153 8.15 13.42 -9.02
N ALA A 154 7.99 13.57 -7.71
CA ALA A 154 6.90 12.85 -7.04
C ALA A 154 6.30 13.66 -5.92
N VAL A 155 5.00 13.48 -5.78
CA VAL A 155 4.28 14.03 -4.65
C VAL A 155 4.71 13.34 -3.35
N ASP A 156 5.07 14.14 -2.34
CA ASP A 156 5.28 13.62 -0.99
C ASP A 156 3.89 13.34 -0.42
N ARG A 157 3.55 12.08 -0.25
N ARG A 157 3.51 12.08 -0.33
CA ARG A 157 2.19 11.73 0.16
CA ARG A 157 2.13 11.72 0.06
C ARG A 157 1.92 12.04 1.63
C ARG A 157 1.83 12.23 1.49
N MET A 158 2.97 12.33 2.39
N MET A 158 2.86 12.31 2.33
CA MET A 158 2.82 12.87 3.74
CA MET A 158 2.71 12.85 3.68
C MET A 158 2.69 14.39 3.75
C MET A 158 2.73 14.38 3.75
N ASN A 159 3.07 15.04 2.65
CA ASN A 159 3.02 16.51 2.53
C ASN A 159 2.57 16.80 1.09
N PRO A 160 1.31 16.49 0.76
CA PRO A 160 0.86 16.37 -0.62
C PRO A 160 0.75 17.65 -1.45
N SER A 161 0.98 18.81 -0.86
CA SER A 161 1.12 20.03 -1.67
C SER A 161 2.50 20.15 -2.30
N LEU A 162 3.44 19.26 -1.93
CA LEU A 162 4.81 19.30 -2.39
C LEU A 162 5.13 18.21 -3.41
N VAL A 163 5.67 18.66 -4.54
CA VAL A 163 6.22 17.77 -5.57
C VAL A 163 7.72 17.93 -5.47
N CYS A 164 8.42 16.79 -5.46
CA CYS A 164 9.78 16.74 -4.97
C CYS A 164 10.71 15.96 -5.89
N VAL A 165 11.98 16.31 -5.83
CA VAL A 165 13.04 15.55 -6.51
C VAL A 165 13.12 14.16 -5.87
N ALA A 166 13.01 13.12 -6.70
CA ALA A 166 12.91 11.73 -6.25
C ALA A 166 13.70 10.77 -7.14
N SER A 167 13.87 9.55 -6.61
CA SER A 167 14.61 8.49 -7.29
C SER A 167 13.86 7.21 -7.14
N VAL A 168 14.05 6.32 -8.11
CA VAL A 168 13.64 4.91 -7.98
C VAL A 168 14.75 4.18 -7.21
N THR A 169 14.42 3.57 -6.07
CA THR A 169 15.44 2.91 -5.26
C THR A 169 15.24 1.38 -5.13
N ASP A 170 14.15 0.86 -5.64
CA ASP A 170 13.90 -0.59 -5.66
C ASP A 170 12.87 -0.89 -6.71
N VAL A 171 12.90 -2.13 -7.22
CA VAL A 171 11.91 -2.63 -8.17
C VAL A 171 11.59 -4.08 -7.78
N VAL A 172 10.31 -4.38 -7.66
CA VAL A 172 9.83 -5.70 -7.24
C VAL A 172 8.58 -6.01 -8.03
N ASP A 173 8.65 -7.10 -8.78
CA ASP A 173 7.54 -7.51 -9.65
C ASP A 173 7.16 -6.33 -10.56
N SER A 174 5.89 -5.91 -10.57
CA SER A 174 5.42 -4.82 -11.45
C SER A 174 5.50 -3.40 -10.83
N ARG A 175 6.12 -3.27 -9.66
N ARG A 175 6.18 -3.27 -9.69
CA ARG A 175 6.12 -2.00 -8.93
CA ARG A 175 6.13 -2.04 -8.89
C ARG A 175 7.53 -1.53 -8.59
C ARG A 175 7.53 -1.54 -8.56
N PHE A 176 7.62 -0.27 -8.17
CA PHE A 176 8.90 0.31 -7.84
C PHE A 176 8.75 1.25 -6.66
N LEU A 177 9.87 1.51 -6.01
CA LEU A 177 9.89 2.30 -4.79
C LEU A 177 10.38 3.70 -5.10
N VAL A 178 9.56 4.67 -4.71
CA VAL A 178 9.90 6.09 -4.87
C VAL A 178 10.51 6.58 -3.55
N HIS A 179 11.68 7.22 -3.67
CA HIS A 179 12.44 7.74 -2.55
C HIS A 179 12.73 9.21 -2.79
N PHE A 180 12.73 9.99 -1.72
CA PHE A 180 12.90 11.45 -1.79
C PHE A 180 14.34 11.79 -1.44
N ASP A 181 15.05 12.32 -2.44
CA ASP A 181 16.51 12.44 -2.41
C ASP A 181 17.01 13.18 -1.16
N ASN A 182 17.87 12.52 -0.39
CA ASN A 182 18.44 13.00 0.86
C ASN A 182 17.42 13.26 1.97
N TRP A 183 16.17 12.78 1.82
CA TRP A 183 15.16 12.86 2.88
C TRP A 183 15.09 11.50 3.55
N ASP A 184 14.45 11.45 4.71
N ASP A 184 14.43 11.45 4.70
CA ASP A 184 14.28 10.20 5.43
CA ASP A 184 14.29 10.18 5.42
C ASP A 184 13.53 9.15 4.60
C ASP A 184 13.54 9.14 4.59
N ASP A 185 13.95 7.89 4.70
CA ASP A 185 13.31 6.81 3.96
C ASP A 185 11.88 6.51 4.42
N THR A 186 11.46 7.06 5.56
CA THR A 186 10.04 6.94 5.99
C THR A 186 9.02 7.55 5.03
N TYR A 187 9.48 8.47 4.17
CA TYR A 187 8.64 9.07 3.15
C TYR A 187 8.53 8.24 1.84
N ASP A 188 9.30 7.15 1.73
CA ASP A 188 9.26 6.29 0.56
C ASP A 188 7.89 5.66 0.37
N TYR A 189 7.52 5.37 -0.88
CA TYR A 189 6.34 4.57 -1.15
C TYR A 189 6.44 3.82 -2.46
N TRP A 190 5.80 2.66 -2.47
CA TRP A 190 5.73 1.83 -3.66
C TRP A 190 4.65 2.33 -4.58
N CYS A 191 4.88 2.25 -5.88
CA CYS A 191 3.81 2.47 -6.84
C CYS A 191 4.12 1.83 -8.20
N ASP A 192 3.26 2.08 -9.18
CA ASP A 192 3.39 1.54 -10.50
C ASP A 192 3.36 2.67 -11.51
N PRO A 193 3.61 2.36 -12.77
CA PRO A 193 3.77 3.44 -13.76
C PRO A 193 2.55 4.35 -13.98
N SER A 194 1.36 3.89 -13.56
CA SER A 194 0.14 4.69 -13.67
C SER A 194 -0.19 5.58 -12.46
N SER A 195 0.65 5.57 -11.43
CA SER A 195 0.36 6.41 -10.27
C SER A 195 0.17 7.87 -10.64
N PRO A 196 -0.87 8.51 -10.08
CA PRO A 196 -1.06 9.94 -10.28
C PRO A 196 -0.15 10.85 -9.46
N TYR A 197 0.65 10.25 -8.58
CA TYR A 197 1.57 10.95 -7.73
C TYR A 197 2.96 11.13 -8.30
N ILE A 198 3.21 10.61 -9.49
CA ILE A 198 4.55 10.70 -10.08
C ILE A 198 4.50 11.41 -11.42
N HIS A 199 5.61 12.05 -11.76
CA HIS A 199 5.76 12.83 -12.99
C HIS A 199 7.20 12.74 -13.51
N PRO A 200 7.38 12.97 -14.82
CA PRO A 200 8.76 13.04 -15.32
C PRO A 200 9.54 14.29 -14.86
N VAL A 201 10.86 14.17 -14.86
CA VAL A 201 11.78 15.29 -14.65
C VAL A 201 11.32 16.39 -15.59
N GLY A 202 11.16 17.58 -15.03
CA GLY A 202 10.77 18.78 -15.79
C GLY A 202 9.31 19.14 -15.67
N TRP A 203 8.48 18.25 -15.10
CA TRP A 203 7.04 18.49 -15.00
C TRP A 203 6.70 19.78 -14.22
N CYS A 204 7.35 20.01 -13.08
CA CYS A 204 7.06 21.21 -12.27
C CYS A 204 7.35 22.52 -13.04
N GLN A 205 8.52 22.60 -13.67
CA GLN A 205 8.86 23.71 -14.59
C GLN A 205 7.74 23.91 -15.62
N LYS A 206 7.29 22.82 -16.24
CA LYS A 206 6.31 22.89 -17.32
C LYS A 206 4.95 23.39 -16.83
N GLN A 207 4.59 23.01 -15.60
CA GLN A 207 3.34 23.42 -14.98
C GLN A 207 3.41 24.75 -14.20
N GLY A 208 4.59 25.34 -14.08
CA GLY A 208 4.78 26.51 -13.21
C GLY A 208 4.54 26.23 -11.73
N LYS A 209 4.86 25.03 -11.27
CA LYS A 209 4.71 24.68 -9.86
C LYS A 209 6.10 24.61 -9.24
N PRO A 210 6.21 24.91 -7.94
CA PRO A 210 7.53 24.85 -7.34
C PRO A 210 7.93 23.38 -7.12
N LEU A 211 9.24 23.12 -7.15
CA LEU A 211 9.79 21.78 -7.00
C LEU A 211 10.65 21.80 -5.76
N THR A 212 10.39 20.85 -4.85
CA THR A 212 11.19 20.72 -3.63
C THR A 212 12.46 19.96 -3.97
N PRO A 213 13.63 20.62 -3.81
CA PRO A 213 14.89 19.93 -4.09
C PRO A 213 15.33 18.98 -2.98
N PRO A 214 16.39 18.20 -3.22
CA PRO A 214 16.90 17.33 -2.17
C PRO A 214 17.21 18.09 -0.88
N GLN A 215 17.06 17.42 0.25
CA GLN A 215 17.32 18.07 1.55
C GLN A 215 18.71 18.69 1.57
N ASP A 216 18.77 19.95 2.02
CA ASP A 216 20.02 20.70 2.18
C ASP A 216 20.80 20.85 0.88
N TYR A 217 20.12 20.90 -0.27
CA TYR A 217 20.81 21.10 -1.53
C TYR A 217 21.39 22.51 -1.49
N PRO A 218 22.72 22.67 -1.79
CA PRO A 218 23.31 24.02 -1.69
C PRO A 218 22.66 24.98 -2.68
N ASP A 219 22.39 26.20 -2.22
CA ASP A 219 21.71 27.21 -3.04
C ASP A 219 20.41 26.63 -3.60
N PRO A 220 19.48 26.22 -2.72
CA PRO A 220 18.31 25.44 -3.14
C PRO A 220 17.31 26.16 -4.06
N ASP A 221 17.40 27.48 -4.15
CA ASP A 221 16.54 28.25 -5.04
C ASP A 221 17.01 28.11 -6.49
N ASN A 222 18.31 27.89 -6.67
CA ASN A 222 18.90 27.68 -7.99
C ASN A 222 19.06 26.20 -8.35
N PHE A 223 18.25 25.31 -7.77
CA PHE A 223 18.29 23.88 -8.15
C PHE A 223 17.96 23.71 -9.63
N CYS A 224 18.78 22.92 -10.29
CA CYS A 224 18.70 22.73 -11.71
C CYS A 224 18.82 21.23 -11.99
N TRP A 225 17.81 20.64 -12.62
CA TRP A 225 17.82 19.18 -12.93
C TRP A 225 19.03 18.79 -13.80
N GLU A 226 19.30 19.57 -14.85
CA GLU A 226 20.44 19.26 -15.68
C GLU A 226 21.74 19.15 -14.90
N LYS A 227 22.01 20.13 -14.03
CA LYS A 227 23.19 20.08 -13.18
C LYS A 227 23.15 18.86 -12.24
N TYR A 228 21.98 18.61 -11.64
CA TYR A 228 21.84 17.52 -10.66
C TYR A 228 22.06 16.16 -11.32
N LEU A 229 21.51 15.98 -12.52
CA LEU A 229 21.73 14.74 -13.28
C LEU A 229 23.19 14.59 -13.67
N GLU A 230 23.87 15.70 -13.97
CA GLU A 230 25.34 15.68 -14.19
C GLU A 230 26.13 15.35 -12.94
N GLU A 231 25.76 15.94 -11.80
CA GLU A 231 26.41 15.65 -10.53
C GLU A 231 26.32 14.17 -10.16
N THR A 232 25.14 13.57 -10.38
CA THR A 232 24.90 12.20 -9.95
C THR A 232 25.15 11.15 -11.04
N GLY A 233 25.22 11.58 -12.30
CA GLY A 233 25.30 10.63 -13.43
C GLY A 233 24.04 9.81 -13.68
N ALA A 234 22.92 10.26 -13.11
CA ALA A 234 21.67 9.54 -13.18
C ALA A 234 20.88 9.97 -14.38
N SER A 235 20.10 9.04 -14.92
N SER A 235 20.06 9.05 -14.88
CA SER A 235 19.12 9.32 -15.97
CA SER A 235 19.12 9.30 -15.95
C SER A 235 17.78 9.66 -15.35
C SER A 235 17.71 9.55 -15.42
N ALA A 236 16.98 10.39 -16.12
CA ALA A 236 15.54 10.56 -15.85
C ALA A 236 14.79 9.32 -16.28
N VAL A 237 13.79 8.89 -15.50
CA VAL A 237 12.81 7.98 -16.02
C VAL A 237 12.30 8.59 -17.33
N PRO A 238 12.26 7.78 -18.40
CA PRO A 238 11.81 8.32 -19.67
C PRO A 238 10.31 8.64 -19.63
N THR A 239 9.95 9.69 -20.35
CA THR A 239 8.59 10.19 -20.34
C THR A 239 7.59 9.15 -20.80
N TRP A 240 7.96 8.32 -21.78
CA TRP A 240 7.04 7.27 -22.28
C TRP A 240 6.57 6.30 -21.22
N ALA A 241 7.35 6.16 -20.14
CA ALA A 241 7.10 5.18 -19.11
C ALA A 241 5.92 5.54 -18.24
N PHE A 242 5.58 6.82 -18.19
CA PHE A 242 4.50 7.31 -17.28
C PHE A 242 3.17 7.15 -17.97
N LYS A 243 2.25 6.41 -17.35
CA LYS A 243 1.01 5.96 -18.00
C LYS A 243 -0.14 6.14 -17.03
N VAL A 244 -0.38 7.39 -16.62
CA VAL A 244 -1.35 7.66 -15.53
C VAL A 244 -2.79 7.16 -15.85
N ARG A 245 -3.46 6.75 -14.80
CA ARG A 245 -4.68 6.04 -14.90
C ARG A 245 -5.84 7.02 -14.99
N PRO A 246 -6.94 6.55 -15.57
CA PRO A 246 -8.11 7.42 -15.64
C PRO A 246 -8.70 7.62 -14.23
N PRO A 247 -9.41 8.73 -14.01
CA PRO A 247 -10.13 8.87 -12.75
C PRO A 247 -11.07 7.68 -12.48
N HIS A 248 -11.23 7.33 -11.22
CA HIS A 248 -12.21 6.34 -10.81
C HIS A 248 -13.65 6.84 -11.06
N SER A 249 -14.60 5.94 -10.94
CA SER A 249 -16.00 6.25 -11.19
C SER A 249 -16.90 6.01 -9.98
N PHE A 250 -16.32 6.02 -8.78
CA PHE A 250 -17.12 6.03 -7.54
C PHE A 250 -17.91 7.33 -7.47
N LEU A 251 -19.18 7.22 -7.08
CA LEU A 251 -20.07 8.36 -6.88
C LEU A 251 -20.45 8.50 -5.44
N VAL A 252 -20.65 9.73 -5.03
CA VAL A 252 -21.14 10.05 -3.69
C VAL A 252 -22.39 9.24 -3.37
N ASN A 253 -22.43 8.75 -2.12
CA ASN A 253 -23.48 7.90 -1.58
C ASN A 253 -23.43 6.43 -1.91
N MET A 254 -22.56 6.00 -2.81
CA MET A 254 -22.41 4.58 -3.01
C MET A 254 -21.89 3.94 -1.73
N LYS A 255 -22.37 2.75 -1.44
CA LYS A 255 -21.95 1.97 -0.27
C LYS A 255 -20.89 0.91 -0.59
N LEU A 256 -20.08 0.60 0.39
CA LEU A 256 -18.98 -0.35 0.25
C LEU A 256 -18.52 -0.76 1.64
N GLU A 257 -17.41 -1.52 1.71
CA GLU A 257 -16.82 -1.99 2.96
C GLU A 257 -15.41 -1.43 3.04
N ALA A 258 -15.02 -0.99 4.23
CA ALA A 258 -13.69 -0.42 4.44
C ALA A 258 -13.12 -0.79 5.80
N VAL A 259 -11.83 -1.07 5.82
CA VAL A 259 -11.14 -1.32 7.07
C VAL A 259 -11.18 -0.05 7.93
N ASP A 260 -11.41 -0.25 9.23
CA ASP A 260 -11.40 0.87 10.20
C ASP A 260 -9.95 1.37 10.41
N ARG A 261 -9.78 2.67 10.49
CA ARG A 261 -8.45 3.24 10.68
C ARG A 261 -8.04 3.29 12.15
N ARG A 262 -8.99 3.22 13.08
CA ARG A 262 -8.67 3.30 14.51
C ARG A 262 -8.32 1.94 15.06
N ASN A 263 -9.10 0.93 14.66
CA ASN A 263 -8.86 -0.45 15.03
C ASN A 263 -8.84 -1.26 13.72
N PRO A 264 -7.64 -1.46 13.15
CA PRO A 264 -7.55 -2.12 11.83
C PRO A 264 -7.98 -3.56 11.79
N ALA A 265 -8.23 -4.20 12.94
CA ALA A 265 -8.85 -5.54 12.89
C ALA A 265 -10.28 -5.50 12.33
N LEU A 266 -10.94 -4.34 12.41
CA LEU A 266 -12.35 -4.23 12.06
C LEU A 266 -12.58 -3.73 10.65
N ILE A 267 -13.64 -4.23 10.02
CA ILE A 267 -14.10 -3.73 8.72
C ILE A 267 -15.56 -3.35 8.93
N ARG A 268 -15.95 -2.21 8.38
CA ARG A 268 -17.27 -1.66 8.58
C ARG A 268 -17.99 -1.33 7.28
N VAL A 269 -19.30 -1.24 7.42
CA VAL A 269 -20.19 -0.68 6.40
C VAL A 269 -19.83 0.77 6.20
N ALA A 270 -19.66 1.15 4.93
CA ALA A 270 -19.15 2.47 4.59
C ALA A 270 -19.85 3.07 3.39
N SER A 271 -19.77 4.40 3.30
CA SER A 271 -20.35 5.17 2.23
C SER A 271 -19.31 6.12 1.64
N VAL A 272 -19.46 6.42 0.37
CA VAL A 272 -18.65 7.44 -0.30
C VAL A 272 -19.21 8.82 0.05
N GLU A 273 -18.46 9.58 0.87
CA GLU A 273 -18.90 10.91 1.32
C GLU A 273 -18.55 12.00 0.32
N ASP A 274 -17.43 11.83 -0.38
CA ASP A 274 -16.95 12.83 -1.33
C ASP A 274 -15.98 12.14 -2.24
N VAL A 275 -15.71 12.78 -3.37
CA VAL A 275 -14.80 12.23 -4.37
C VAL A 275 -13.82 13.26 -4.89
N GLU A 276 -12.65 12.77 -5.33
CA GLU A 276 -11.71 13.46 -6.22
C GLU A 276 -11.44 12.57 -7.44
N ASP A 277 -10.57 13.02 -8.35
CA ASP A 277 -10.26 12.17 -9.51
C ASP A 277 -9.72 10.81 -9.16
N HIS A 278 -8.86 10.76 -8.14
CA HIS A 278 -8.18 9.52 -7.78
C HIS A 278 -8.39 9.05 -6.34
N ARG A 279 -9.17 9.80 -5.54
N ARG A 279 -9.20 9.76 -5.55
CA ARG A 279 -9.41 9.45 -4.13
CA ARG A 279 -9.42 9.39 -4.16
C ARG A 279 -10.89 9.48 -3.85
C ARG A 279 -10.89 9.53 -3.82
N ILE A 280 -11.28 8.83 -2.76
CA ILE A 280 -12.64 8.93 -2.23
C ILE A 280 -12.58 9.20 -0.73
N LYS A 281 -13.63 9.83 -0.22
CA LYS A 281 -13.72 10.12 1.20
C LYS A 281 -14.69 9.12 1.78
N ILE A 282 -14.23 8.34 2.76
CA ILE A 282 -15.03 7.30 3.40
C ILE A 282 -15.77 7.89 4.59
N HIS A 283 -17.06 7.56 4.70
CA HIS A 283 -17.85 7.75 5.93
C HIS A 283 -18.30 6.40 6.44
N PHE A 284 -18.17 6.17 7.75
CA PHE A 284 -18.67 4.94 8.34
C PHE A 284 -20.09 5.16 8.85
N ASP A 285 -21.02 4.46 8.22
CA ASP A 285 -22.46 4.60 8.50
C ASP A 285 -22.74 4.52 9.99
N GLY A 286 -23.41 5.55 10.51
CA GLY A 286 -23.81 5.54 11.91
C GLY A 286 -22.88 6.24 12.87
N TRP A 287 -21.65 6.48 12.43
CA TRP A 287 -20.61 7.09 13.25
C TRP A 287 -20.43 8.53 12.89
N SER A 288 -19.73 9.26 13.73
CA SER A 288 -19.46 10.68 13.47
C SER A 288 -18.75 10.91 12.13
N HIS A 289 -19.15 11.97 11.45
CA HIS A 289 -18.39 12.48 10.30
C HIS A 289 -16.97 12.90 10.65
N GLY A 290 -16.70 13.13 11.94
CA GLY A 290 -15.36 13.42 12.44
C GLY A 290 -14.34 12.36 12.12
N TYR A 291 -14.82 11.12 11.93
CA TYR A 291 -13.96 9.99 11.53
C TYR A 291 -13.78 9.84 10.02
N ASP A 292 -14.45 10.63 9.21
CA ASP A 292 -14.37 10.45 7.76
C ASP A 292 -12.93 10.70 7.31
N PHE A 293 -12.50 9.98 6.27
CA PHE A 293 -11.12 10.11 5.81
C PHE A 293 -10.99 9.88 4.31
N TRP A 294 -10.04 10.60 3.72
CA TRP A 294 -9.66 10.39 2.34
C TRP A 294 -8.76 9.17 2.15
N ILE A 295 -8.97 8.46 1.06
CA ILE A 295 -8.20 7.28 0.72
C ILE A 295 -8.10 7.15 -0.79
N ASP A 296 -6.97 6.64 -1.26
CA ASP A 296 -6.82 6.39 -2.67
C ASP A 296 -7.83 5.34 -3.12
N ALA A 297 -8.37 5.52 -4.32
CA ALA A 297 -9.39 4.60 -4.82
C ALA A 297 -8.89 3.18 -5.04
N ASP A 298 -7.59 3.02 -5.24
CA ASP A 298 -7.02 1.68 -5.40
C ASP A 298 -6.45 1.10 -4.10
N HIS A 299 -6.78 1.67 -2.96
CA HIS A 299 -6.20 1.23 -1.69
C HIS A 299 -6.67 -0.20 -1.41
N PRO A 300 -5.77 -1.08 -0.95
CA PRO A 300 -6.17 -2.45 -0.73
C PRO A 300 -7.20 -2.68 0.40
N ASP A 301 -7.54 -1.67 1.20
CA ASP A 301 -8.42 -1.84 2.35
C ASP A 301 -9.84 -1.28 2.14
N ILE A 302 -10.22 -1.06 0.89
CA ILE A 302 -11.61 -0.83 0.53
C ILE A 302 -12.04 -1.93 -0.40
N HIS A 303 -13.32 -2.34 -0.29
CA HIS A 303 -13.83 -3.54 -0.93
C HIS A 303 -15.30 -3.37 -1.29
N PRO A 304 -15.76 -4.14 -2.29
CA PRO A 304 -17.19 -4.09 -2.58
C PRO A 304 -18.04 -4.73 -1.47
N ALA A 305 -19.27 -4.26 -1.37
CA ALA A 305 -20.25 -4.92 -0.52
C ALA A 305 -20.29 -6.41 -0.77
N GLY A 306 -20.27 -7.19 0.32
CA GLY A 306 -20.21 -8.64 0.28
C GLY A 306 -18.83 -9.27 0.42
N TRP A 307 -17.76 -8.45 0.38
CA TRP A 307 -16.42 -8.97 0.50
C TRP A 307 -16.20 -9.72 1.79
N CYS A 308 -16.57 -9.12 2.92
CA CYS A 308 -16.43 -9.76 4.22
C CYS A 308 -17.18 -11.10 4.28
N SER A 309 -18.45 -11.07 3.87
CA SER A 309 -19.27 -12.29 3.91
C SER A 309 -18.66 -13.43 3.05
N LYS A 310 -18.23 -13.07 1.85
CA LYS A 310 -17.66 -14.06 0.92
C LYS A 310 -16.29 -14.58 1.33
N THR A 311 -15.54 -13.82 2.15
CA THR A 311 -14.18 -14.20 2.55
C THR A 311 -14.10 -14.71 3.97
N GLY A 312 -15.18 -14.62 4.74
CA GLY A 312 -15.21 -15.14 6.10
C GLY A 312 -14.72 -14.15 7.16
N HIS A 313 -14.79 -12.85 6.88
CA HIS A 313 -14.37 -11.81 7.83
C HIS A 313 -15.62 -11.20 8.46
N PRO A 314 -15.62 -10.98 9.78
CA PRO A 314 -16.78 -10.29 10.36
C PRO A 314 -16.94 -8.89 9.79
N LEU A 315 -18.18 -8.46 9.57
CA LEU A 315 -18.47 -7.12 9.11
C LEU A 315 -19.19 -6.39 10.23
N GLN A 316 -18.71 -5.19 10.58
CA GLN A 316 -19.39 -4.38 11.57
C GLN A 316 -20.54 -3.67 10.88
N PRO A 317 -21.76 -3.85 11.38
CA PRO A 317 -22.86 -3.12 10.79
C PRO A 317 -22.87 -1.67 11.26
N PRO A 318 -23.66 -0.83 10.60
CA PRO A 318 -23.72 0.58 11.03
C PRO A 318 -24.08 0.72 12.50
N LEU A 319 -23.50 1.72 13.14
CA LEU A 319 -23.82 2.03 14.53
C LEU A 319 -25.28 2.50 14.56
N GLY A 320 -26.09 1.86 15.39
CA GLY A 320 -27.53 2.16 15.42
C GLY A 320 -27.83 3.47 16.15
N PRO A 321 -28.95 4.14 15.80
CA PRO A 321 -29.41 5.31 16.58
C PRO A 321 -30.27 4.91 17.77
#